data_6V36
#
_entry.id   6V36
#
_cell.length_a   68.192
_cell.length_b   120.400
_cell.length_c   128.355
_cell.angle_alpha   90.000
_cell.angle_beta   90.000
_cell.angle_gamma   90.000
#
_symmetry.space_group_name_H-M   'P 21 21 21'
#
loop_
_entity.id
_entity.type
_entity.pdbx_description
1 polymer 'Potassium channel subfamily K member 2'
2 non-polymer 'CADMIUM ION'
3 non-polymer N-OCTANE
4 non-polymer UNDECANE
5 non-polymer 'POTASSIUM ION'
6 water water
#
_entity_poly.entity_id   1
_entity_poly.type   'polypeptide(L)'
_entity_poly.pdbx_seq_one_letter_code
;MSFSSKPTVLASRVESDSAINVMKWKTVSTIFLVVVLYLIIGATVFKALEQPQEISQRTTIVIQREKFLRAHPCVSDQEL
DELIQQIVAADNAGIIPLGASSNQVSHWDLGSSFFFAGTVITTIGFGNISPRTEGGKIFCIIYALLGIPLFGFLLAGVGD
QLGTIFGKGIAKVEDTFIKWNVSQTKIRIISTIIFILFGCVLFVALPAVIFKHIEGWSALDAIYFVVITLTTIGFGDYVA
GGSDIEYLDFYKPVVWFWILVGLAYFAAVLSMIGDWLRVIAKKTKEAVGEFRAHAAEWTANVTSNSLEVLFQ
;
_entity_poly.pdbx_strand_id   A,B
#
loop_
_chem_comp.id
_chem_comp.type
_chem_comp.name
_chem_comp.formula
CD non-polymer 'CADMIUM ION' 'Cd 2'
K non-polymer 'POTASSIUM ION' 'K 1'
OCT non-polymer N-OCTANE 'C8 H18'
UND non-polymer UNDECANE 'C11 H24'
#
# COMPACT_ATOMS: atom_id res chain seq x y z
N LYS A 26 -27.51 8.79 -8.05
CA LYS A 26 -26.18 8.89 -7.44
C LYS A 26 -25.33 7.67 -7.79
N THR A 27 -25.82 6.47 -7.40
CA THR A 27 -25.18 5.19 -7.69
C THR A 27 -23.90 5.04 -6.87
N VAL A 28 -23.42 6.14 -6.31
CA VAL A 28 -22.26 6.11 -5.43
C VAL A 28 -22.68 5.63 -4.05
N SER A 29 -23.83 6.12 -3.57
CA SER A 29 -24.34 5.72 -2.28
C SER A 29 -24.61 4.22 -2.22
N THR A 30 -25.21 3.67 -3.28
CA THR A 30 -25.43 2.22 -3.33
C THR A 30 -24.11 1.46 -3.29
N ILE A 31 -23.11 1.92 -4.03
CA ILE A 31 -21.79 1.30 -3.98
C ILE A 31 -21.19 1.45 -2.59
N PHE A 32 -21.39 2.61 -1.96
CA PHE A 32 -20.88 2.84 -0.62
C PHE A 32 -21.36 1.77 0.35
N LEU A 33 -22.68 1.54 0.39
CA LEU A 33 -23.25 0.56 1.31
C LEU A 33 -22.76 -0.85 1.00
N VAL A 34 -22.53 -1.16 -0.29
CA VAL A 34 -21.97 -2.46 -0.66
C VAL A 34 -20.60 -2.63 -0.03
N VAL A 35 -19.74 -1.61 -0.16
CA VAL A 35 -18.40 -1.68 0.41
C VAL A 35 -18.47 -1.81 1.93
N VAL A 36 -19.33 -1.01 2.57
CA VAL A 36 -19.51 -1.11 4.01
C VAL A 36 -19.91 -2.53 4.39
N LEU A 37 -20.87 -3.08 3.65
CA LEU A 37 -21.31 -4.44 3.89
C LEU A 37 -20.14 -5.40 3.69
N TYR A 38 -19.39 -5.22 2.60
CA TYR A 38 -18.23 -6.05 2.30
C TYR A 38 -17.22 -6.02 3.44
N LEU A 39 -16.97 -4.82 3.99
CA LEU A 39 -16.04 -4.72 5.11
C LEU A 39 -16.58 -5.39 6.36
N ILE A 40 -17.86 -5.17 6.66
CA ILE A 40 -18.48 -5.82 7.83
C ILE A 40 -18.39 -7.33 7.70
N ILE A 41 -18.74 -7.86 6.52
CA ILE A 41 -18.57 -9.29 6.26
C ILE A 41 -17.12 -9.68 6.45
N GLY A 42 -16.20 -8.93 5.84
CA GLY A 42 -14.78 -9.21 6.00
C GLY A 42 -14.33 -9.12 7.45
N ALA A 43 -14.77 -8.06 8.15
CA ALA A 43 -14.42 -7.88 9.56
C ALA A 43 -14.78 -9.11 10.37
N THR A 44 -16.03 -9.57 10.25
CA THR A 44 -16.47 -10.74 11.00
C THR A 44 -15.63 -11.96 10.69
N VAL A 45 -15.25 -12.14 9.43
CA VAL A 45 -14.51 -13.34 9.05
C VAL A 45 -13.09 -13.32 9.61
N PHE A 46 -12.44 -12.15 9.58
CA PHE A 46 -11.07 -12.09 10.09
C PHE A 46 -11.01 -12.34 11.59
N LYS A 47 -11.79 -11.61 12.38
CA LYS A 47 -11.78 -11.82 13.82
C LYS A 47 -12.23 -13.22 14.19
N ALA A 48 -13.01 -13.89 13.33
CA ALA A 48 -13.33 -15.29 13.56
C ALA A 48 -12.16 -16.21 13.24
N LEU A 49 -11.24 -15.76 12.39
CA LEU A 49 -10.09 -16.56 11.98
C LEU A 49 -8.82 -16.24 12.76
N GLU A 50 -8.75 -15.09 13.44
CA GLU A 50 -7.51 -14.65 14.07
C GLU A 50 -7.61 -14.50 15.58
N GLN A 51 -8.73 -14.04 16.10
CA GLN A 51 -8.86 -13.83 17.54
C GLN A 51 -8.65 -15.10 18.37
N PRO A 52 -9.01 -16.32 17.89
CA PRO A 52 -8.58 -17.53 18.63
C PRO A 52 -7.07 -17.67 18.75
N GLN A 53 -6.35 -17.64 17.61
CA GLN A 53 -4.90 -17.64 17.66
C GLN A 53 -4.36 -16.49 18.50
N GLU A 54 -5.07 -15.36 18.52
CA GLU A 54 -4.63 -14.21 19.31
C GLU A 54 -4.55 -14.57 20.79
N ILE A 55 -5.61 -15.18 21.32
CA ILE A 55 -5.66 -15.46 22.75
C ILE A 55 -4.71 -16.59 23.12
N SER A 56 -4.65 -17.62 22.28
CA SER A 56 -3.75 -18.74 22.54
C SER A 56 -2.31 -18.24 22.66
N GLN A 57 -1.91 -17.35 21.74
CA GLN A 57 -0.57 -16.78 21.75
C GLN A 57 -0.34 -15.84 22.92
N ARG A 58 -1.40 -15.22 23.44
CA ARG A 58 -1.25 -14.24 24.50
C ARG A 58 -1.41 -14.83 25.89
N THR A 59 -2.06 -15.99 26.03
CA THR A 59 -1.99 -16.69 27.30
C THR A 59 -0.66 -17.42 27.45
N THR A 60 -0.13 -17.95 26.34
CA THR A 60 1.19 -18.57 26.35
C THR A 60 2.32 -17.54 26.44
N ILE A 61 2.01 -16.26 26.35
CA ILE A 61 2.97 -15.22 26.71
C ILE A 61 2.91 -14.83 28.18
N VAL A 62 1.73 -14.90 28.79
CA VAL A 62 1.65 -14.72 30.23
C VAL A 62 2.28 -15.89 30.95
N ILE A 63 2.18 -17.10 30.39
CA ILE A 63 2.89 -18.24 30.94
C ILE A 63 4.39 -18.01 30.92
N GLN A 64 4.92 -17.59 29.75
CA GLN A 64 6.35 -17.37 29.62
C GLN A 64 6.83 -16.19 30.47
N ARG A 65 5.97 -15.20 30.74
CA ARG A 65 6.39 -14.10 31.59
C ARG A 65 6.60 -14.59 33.03
N GLU A 66 5.59 -15.21 33.62
CA GLU A 66 5.73 -15.70 34.98
C GLU A 66 6.78 -16.80 35.08
N LYS A 67 6.89 -17.63 34.04
CA LYS A 67 7.92 -18.68 34.05
C LYS A 67 9.31 -18.08 34.15
N PHE A 68 9.51 -16.88 33.61
CA PHE A 68 10.77 -16.16 33.73
C PHE A 68 10.84 -15.33 35.01
N LEU A 69 9.71 -15.02 35.63
CA LEU A 69 9.71 -14.31 36.90
C LEU A 69 10.02 -15.25 38.06
N ARG A 70 9.20 -16.30 38.20
CA ARG A 70 9.45 -17.40 39.12
C ARG A 70 10.90 -17.85 39.09
N ALA A 71 11.36 -18.20 37.91
CA ALA A 71 12.64 -18.87 37.75
C ALA A 71 13.84 -17.94 37.83
N HIS A 72 13.63 -16.65 38.09
CA HIS A 72 14.75 -15.72 38.28
C HIS A 72 14.42 -14.72 39.36
N PRO A 73 14.59 -15.14 40.65
CA PRO A 73 14.10 -14.40 41.82
C PRO A 73 14.62 -12.98 41.88
N CYS A 74 15.68 -12.78 41.12
CA CYS A 74 16.46 -11.57 40.95
C CYS A 74 15.96 -10.73 39.80
N VAL A 75 15.76 -11.36 38.64
CA VAL A 75 15.04 -10.68 37.58
C VAL A 75 13.60 -10.73 38.07
N SER A 76 13.26 -9.77 38.91
CA SER A 76 12.01 -9.78 39.65
C SER A 76 10.93 -9.12 38.81
N ASP A 77 9.78 -8.84 39.45
CA ASP A 77 8.74 -8.10 38.76
C ASP A 77 9.23 -6.74 38.28
N GLN A 78 9.99 -6.03 39.13
CA GLN A 78 10.33 -4.64 38.91
C GLN A 78 11.50 -4.45 37.94
N GLU A 79 12.09 -5.53 37.45
CA GLU A 79 13.25 -5.43 36.57
C GLU A 79 12.93 -5.93 35.16
N LEU A 80 11.66 -6.03 34.82
CA LEU A 80 11.28 -6.72 33.59
C LEU A 80 10.52 -5.83 32.61
N ASP A 81 9.47 -5.15 33.07
CA ASP A 81 8.73 -4.26 32.20
C ASP A 81 9.63 -3.14 31.66
N GLU A 82 10.48 -2.57 32.54
CA GLU A 82 11.55 -1.64 32.16
C GLU A 82 12.18 -2.06 30.86
N LEU A 83 12.62 -3.31 30.83
CA LEU A 83 13.37 -3.89 29.73
C LEU A 83 12.51 -4.06 28.50
N ILE A 84 11.32 -4.67 28.66
CA ILE A 84 10.43 -4.92 27.54
C ILE A 84 10.08 -3.61 26.83
N GLN A 85 9.84 -2.54 27.61
CA GLN A 85 9.57 -1.24 27.00
C GLN A 85 10.76 -0.77 26.17
N GLN A 86 11.97 -1.01 26.66
CA GLN A 86 13.17 -0.66 25.90
C GLN A 86 13.42 -1.61 24.75
N ILE A 87 12.93 -2.86 24.83
CA ILE A 87 13.04 -3.78 23.71
C ILE A 87 11.98 -3.46 22.66
N VAL A 88 10.75 -3.12 23.11
CA VAL A 88 9.74 -2.67 22.17
C VAL A 88 10.08 -1.28 21.66
N ALA A 89 10.83 -0.49 22.43
CA ALA A 89 11.42 0.72 21.88
C ALA A 89 12.57 0.41 20.93
N ALA A 90 13.13 -0.81 21.00
CA ALA A 90 14.03 -1.32 19.98
C ALA A 90 13.28 -2.01 18.86
N ASP A 91 11.99 -2.28 19.04
CA ASP A 91 11.14 -2.63 17.91
C ASP A 91 10.98 -1.44 16.97
N ASN A 92 10.92 -0.21 17.54
CA ASN A 92 10.90 1.03 16.78
C ASN A 92 11.99 1.10 15.72
N ALA A 93 13.04 0.30 15.86
CA ALA A 93 14.14 0.26 14.94
C ALA A 93 14.84 -1.08 15.03
N HIS A 107 20.78 -1.88 8.61
CA HIS A 107 19.65 -1.62 7.73
C HIS A 107 20.09 -0.66 6.63
N TRP A 108 19.50 0.53 6.51
CA TRP A 108 20.05 1.74 5.90
C TRP A 108 21.45 1.62 5.29
N ASP A 109 21.74 0.56 4.56
CA ASP A 109 23.06 0.41 3.95
C ASP A 109 23.01 0.93 2.53
N LEU A 110 24.04 0.63 1.74
CA LEU A 110 24.07 1.04 0.34
C LEU A 110 22.85 0.52 -0.41
N GLY A 111 22.36 -0.67 -0.05
CA GLY A 111 21.28 -1.31 -0.78
C GLY A 111 19.89 -1.11 -0.21
N SER A 112 19.75 -1.25 1.10
CA SER A 112 18.42 -1.20 1.71
C SER A 112 17.76 0.17 1.54
N SER A 113 18.57 1.23 1.42
CA SER A 113 18.01 2.55 1.17
C SER A 113 17.50 2.67 -0.27
N PHE A 114 18.07 1.90 -1.19
CA PHE A 114 17.51 1.80 -2.54
C PHE A 114 16.17 1.08 -2.51
N PHE A 115 16.13 -0.08 -1.87
CA PHE A 115 14.89 -0.84 -1.74
C PHE A 115 13.81 -0.03 -1.02
N PHE A 116 14.21 0.71 0.02
CA PHE A 116 13.26 1.59 0.71
C PHE A 116 12.61 2.56 -0.27
N ALA A 117 13.42 3.29 -1.04
CA ALA A 117 12.88 4.20 -2.04
C ALA A 117 11.99 3.45 -3.02
N GLY A 118 12.37 2.23 -3.39
CA GLY A 118 11.53 1.44 -4.26
C GLY A 118 10.15 1.19 -3.68
N THR A 119 10.09 0.97 -2.35
CA THR A 119 8.79 0.80 -1.71
C THR A 119 8.01 2.10 -1.66
N VAL A 120 8.70 3.23 -1.65
CA VAL A 120 8.02 4.52 -1.51
C VAL A 120 7.34 4.93 -2.81
N ILE A 121 8.02 4.75 -3.95
CA ILE A 121 7.44 5.17 -5.21
C ILE A 121 6.38 4.19 -5.69
N THR A 122 6.53 2.90 -5.38
CA THR A 122 5.54 1.90 -5.72
C THR A 122 4.36 1.87 -4.77
N THR A 123 4.37 2.75 -3.75
CA THR A 123 3.35 2.82 -2.71
C THR A 123 3.16 1.49 -1.99
N ILE A 124 4.11 0.57 -2.11
CA ILE A 124 4.06 -0.66 -1.33
C ILE A 124 4.28 -0.36 0.15
N GLY A 125 5.43 0.22 0.48
CA GLY A 125 5.73 0.63 1.84
C GLY A 125 5.58 -0.46 2.88
N PHE A 126 6.43 -1.49 2.82
CA PHE A 126 6.37 -2.58 3.79
C PHE A 126 6.47 -2.06 5.22
N GLY A 127 7.26 -1.01 5.43
CA GLY A 127 7.44 -0.45 6.75
C GLY A 127 8.50 -1.12 7.60
N ASN A 128 9.07 -2.24 7.13
CA ASN A 128 10.16 -2.89 7.84
C ASN A 128 11.29 -1.91 8.15
N ILE A 129 11.57 -1.01 7.21
CA ILE A 129 12.49 0.10 7.41
C ILE A 129 11.74 1.38 7.08
N SER A 130 11.74 2.31 8.02
CA SER A 130 11.04 3.58 7.86
C SER A 130 11.89 4.69 8.47
N PRO A 131 11.75 5.92 7.98
CA PRO A 131 12.61 7.00 8.47
C PRO A 131 12.29 7.38 9.91
N ARG A 132 13.35 7.68 10.68
CA ARG A 132 13.23 8.25 12.02
C ARG A 132 13.73 9.67 12.12
N THR A 133 14.58 10.11 11.20
CA THR A 133 15.03 11.50 11.17
C THR A 133 13.90 12.39 10.68
N GLU A 134 13.76 13.57 11.32
CA GLU A 134 12.76 14.52 10.87
C GLU A 134 13.00 14.93 9.43
N GLY A 135 14.27 15.09 9.04
CA GLY A 135 14.57 15.41 7.65
C GLY A 135 14.27 14.25 6.71
N GLY A 136 14.59 13.03 7.14
CA GLY A 136 14.26 11.86 6.34
C GLY A 136 12.76 11.73 6.09
N LYS A 137 11.95 12.02 7.11
CA LYS A 137 10.50 12.03 6.94
C LYS A 137 10.08 13.09 5.93
N ILE A 138 10.57 14.33 6.11
CA ILE A 138 10.24 15.40 5.19
C ILE A 138 10.72 15.06 3.78
N PHE A 139 11.91 14.47 3.67
CA PHE A 139 12.38 14.02 2.37
C PHE A 139 11.49 12.92 1.82
N CYS A 140 11.13 11.95 2.66
CA CYS A 140 10.26 10.86 2.22
C CYS A 140 8.94 11.40 1.67
N ILE A 141 8.39 12.44 2.30
CA ILE A 141 7.16 13.06 1.81
C ILE A 141 7.37 13.62 0.42
N ILE A 142 8.36 14.50 0.27
CA ILE A 142 8.64 15.11 -1.04
C ILE A 142 9.03 14.04 -2.05
N TYR A 143 9.80 13.05 -1.60
CA TYR A 143 10.25 11.99 -2.50
C TYR A 143 9.07 11.20 -3.06
N ALA A 144 8.04 10.99 -2.24
CA ALA A 144 6.88 10.22 -2.67
C ALA A 144 5.98 11.04 -3.58
N LEU A 145 5.64 12.26 -3.17
CA LEU A 145 4.77 13.11 -3.99
C LEU A 145 5.32 13.31 -5.38
N LEU A 146 6.63 13.17 -5.57
CA LEU A 146 7.24 13.23 -6.89
C LEU A 146 7.54 11.86 -7.46
N GLY A 147 7.88 10.89 -6.61
CA GLY A 147 8.23 9.56 -7.07
C GLY A 147 7.05 8.73 -7.51
N ILE A 148 5.94 8.82 -6.76
CA ILE A 148 4.73 8.07 -7.12
C ILE A 148 4.28 8.41 -8.55
N PRO A 149 4.07 9.68 -8.92
CA PRO A 149 3.67 9.95 -10.31
C PRO A 149 4.71 9.50 -11.32
N LEU A 150 5.98 9.80 -11.05
CA LEU A 150 7.06 9.37 -11.94
C LEU A 150 7.02 7.87 -12.18
N PHE A 151 6.87 7.08 -11.11
CA PHE A 151 6.83 5.63 -11.26
C PHE A 151 5.63 5.20 -12.11
N GLY A 152 4.51 5.91 -11.97
CA GLY A 152 3.33 5.56 -12.75
C GLY A 152 3.59 5.57 -14.24
N PHE A 153 4.33 6.57 -14.73
CA PHE A 153 4.68 6.62 -16.14
C PHE A 153 5.52 5.42 -16.54
N LEU A 154 6.49 5.05 -15.71
CA LEU A 154 7.27 3.84 -15.97
C LEU A 154 6.37 2.62 -16.05
N LEU A 155 5.58 2.38 -14.99
CA LEU A 155 4.72 1.22 -14.96
C LEU A 155 3.74 1.22 -16.13
N ALA A 156 3.20 2.40 -16.47
CA ALA A 156 2.31 2.50 -17.62
C ALA A 156 3.03 2.07 -18.90
N GLY A 157 4.28 2.51 -19.07
CA GLY A 157 5.05 2.08 -20.22
C GLY A 157 5.42 0.61 -20.16
N VAL A 158 5.80 0.14 -18.97
CA VAL A 158 6.11 -1.28 -18.81
C VAL A 158 4.87 -2.13 -19.05
N GLY A 159 3.70 -1.66 -18.58
CA GLY A 159 2.46 -2.38 -18.84
C GLY A 159 2.11 -2.39 -20.31
N ASP A 160 2.12 -1.21 -20.95
CA ASP A 160 1.85 -1.12 -22.38
C ASP A 160 2.79 -2.01 -23.17
N GLN A 161 4.07 -1.99 -22.83
CA GLN A 161 5.05 -2.84 -23.51
C GLN A 161 4.70 -4.31 -23.35
N LEU A 162 4.43 -4.73 -22.11
CA LEU A 162 4.12 -6.14 -21.87
C LEU A 162 2.79 -6.53 -22.49
N GLY A 163 1.81 -5.62 -22.46
CA GLY A 163 0.53 -5.91 -23.07
C GLY A 163 0.61 -6.13 -24.57
N THR A 164 1.54 -5.43 -25.24
CA THR A 164 1.75 -5.63 -26.66
C THR A 164 2.63 -6.85 -26.94
N ILE A 165 3.51 -7.22 -26.01
CA ILE A 165 4.26 -8.46 -26.14
C ILE A 165 3.31 -9.65 -26.14
N PHE A 166 2.34 -9.65 -25.22
CA PHE A 166 1.28 -10.66 -25.29
C PHE A 166 0.48 -10.52 -26.58
N GLY A 167 0.11 -9.28 -26.93
CA GLY A 167 -0.64 -9.01 -28.15
C GLY A 167 -0.13 -9.74 -29.38
N LYS A 168 1.20 -9.90 -29.47
CA LYS A 168 1.77 -10.69 -30.55
C LYS A 168 1.52 -12.18 -30.32
N GLY A 169 1.84 -12.69 -29.13
CA GLY A 169 1.68 -14.10 -28.87
C GLY A 169 0.25 -14.56 -28.88
N ILE A 170 -0.68 -13.69 -28.48
CA ILE A 170 -2.09 -14.10 -28.48
C ILE A 170 -2.66 -14.07 -29.89
N ALA A 171 -2.23 -13.11 -30.72
CA ALA A 171 -2.68 -13.08 -32.11
C ALA A 171 -2.25 -14.34 -32.85
N LYS A 172 -1.14 -14.95 -32.44
CA LYS A 172 -0.68 -16.16 -33.11
C LYS A 172 -1.41 -17.39 -32.61
N VAL A 173 -1.84 -17.39 -31.34
CA VAL A 173 -2.52 -18.54 -30.78
C VAL A 173 -4.02 -18.52 -31.06
N GLU A 174 -4.59 -17.35 -31.36
CA GLU A 174 -6.02 -17.31 -31.66
C GLU A 174 -6.31 -17.80 -33.08
N ASP A 175 -5.52 -17.38 -34.08
CA ASP A 175 -5.77 -17.85 -35.45
C ASP A 175 -5.70 -19.37 -35.55
N THR A 176 -4.96 -20.04 -34.66
CA THR A 176 -4.95 -21.49 -34.69
C THR A 176 -6.24 -22.10 -34.12
N PHE A 177 -7.06 -21.31 -33.43
CA PHE A 177 -8.38 -21.74 -33.00
C PHE A 177 -9.52 -21.18 -33.87
N ILE A 178 -9.22 -20.39 -34.90
CA ILE A 178 -10.27 -19.77 -35.72
C ILE A 178 -10.60 -20.61 -36.95
N LYS A 179 -9.61 -21.26 -37.57
CA LYS A 179 -9.91 -21.95 -38.82
C LYS A 179 -10.09 -23.43 -38.55
N TRP A 180 -10.71 -23.69 -37.40
CA TRP A 180 -10.60 -24.95 -36.70
C TRP A 180 -11.98 -25.54 -36.46
N GLN A 184 -16.58 -17.22 -32.28
CA GLN A 184 -15.34 -16.45 -32.23
C GLN A 184 -15.39 -15.43 -31.10
N THR A 185 -16.59 -14.91 -30.84
CA THR A 185 -16.87 -14.19 -29.60
C THR A 185 -16.40 -15.02 -28.39
N LYS A 186 -16.41 -16.35 -28.53
CA LYS A 186 -16.00 -17.24 -27.46
C LYS A 186 -14.50 -17.50 -27.41
N ILE A 187 -13.76 -17.13 -28.46
CA ILE A 187 -12.30 -17.28 -28.47
C ILE A 187 -11.66 -16.23 -27.58
N ARG A 188 -12.35 -15.11 -27.35
CA ARG A 188 -11.93 -14.17 -26.32
C ARG A 188 -11.73 -14.85 -24.97
N ILE A 189 -12.59 -15.82 -24.65
CA ILE A 189 -12.57 -16.45 -23.32
C ILE A 189 -11.38 -17.40 -23.19
N ILE A 190 -11.13 -18.24 -24.21
CA ILE A 190 -9.91 -19.04 -24.21
C ILE A 190 -8.69 -18.15 -24.12
N SER A 191 -8.78 -16.94 -24.69
CA SER A 191 -7.65 -16.02 -24.68
C SER A 191 -7.33 -15.56 -23.27
N THR A 192 -8.32 -15.02 -22.56
CA THR A 192 -8.10 -14.53 -21.20
C THR A 192 -7.65 -15.64 -20.26
N ILE A 193 -8.11 -16.87 -20.50
CA ILE A 193 -7.70 -17.98 -19.65
C ILE A 193 -6.23 -18.29 -19.88
N ILE A 194 -5.79 -18.24 -21.14
CA ILE A 194 -4.35 -18.35 -21.43
C ILE A 194 -3.59 -17.26 -20.72
N PHE A 195 -4.11 -16.03 -20.75
CA PHE A 195 -3.45 -14.90 -20.12
C PHE A 195 -3.27 -15.12 -18.63
N ILE A 196 -4.35 -15.44 -17.92
CA ILE A 196 -4.28 -15.57 -16.47
C ILE A 196 -3.42 -16.76 -16.09
N LEU A 197 -3.55 -17.87 -16.81
CA LEU A 197 -2.76 -19.07 -16.52
C LEU A 197 -1.27 -18.78 -16.61
N PHE A 198 -0.82 -18.31 -17.78
CA PHE A 198 0.60 -18.09 -18.03
C PHE A 198 1.13 -17.04 -17.06
N GLY A 199 0.42 -15.93 -16.90
CA GLY A 199 0.84 -14.90 -15.98
C GLY A 199 0.97 -15.39 -14.55
N CYS A 200 -0.04 -16.13 -14.06
CA CYS A 200 0.07 -16.77 -12.74
C CYS A 200 1.27 -17.69 -12.64
N VAL A 201 1.64 -18.37 -13.72
CA VAL A 201 2.84 -19.19 -13.70
C VAL A 201 4.07 -18.31 -13.60
N LEU A 202 4.19 -17.33 -14.48
CA LEU A 202 5.41 -16.51 -14.55
C LEU A 202 5.51 -15.57 -13.36
N PHE A 203 4.43 -14.88 -13.01
CA PHE A 203 4.51 -13.78 -12.07
C PHE A 203 4.13 -14.14 -10.65
N VAL A 204 3.47 -15.28 -10.43
CA VAL A 204 3.06 -15.71 -9.09
C VAL A 204 3.77 -17.00 -8.69
N ALA A 205 3.59 -18.07 -9.45
CA ALA A 205 4.11 -19.37 -9.06
C ALA A 205 5.63 -19.37 -8.97
N LEU A 206 6.30 -19.09 -10.08
CA LEU A 206 7.76 -19.21 -10.13
C LEU A 206 8.47 -18.32 -9.11
N PRO A 207 8.16 -17.01 -8.99
CA PRO A 207 8.88 -16.20 -8.00
C PRO A 207 8.55 -16.58 -6.57
N ALA A 208 7.35 -17.10 -6.32
CA ALA A 208 7.03 -17.59 -4.98
C ALA A 208 7.86 -18.81 -4.63
N VAL A 209 8.04 -19.73 -5.59
CA VAL A 209 8.91 -20.88 -5.37
C VAL A 209 10.33 -20.44 -5.06
N ILE A 210 10.82 -19.46 -5.83
CA ILE A 210 12.16 -18.93 -5.61
C ILE A 210 12.29 -18.36 -4.20
N PHE A 211 11.26 -17.64 -3.74
CA PHE A 211 11.27 -17.09 -2.40
C PHE A 211 11.23 -18.20 -1.34
N LYS A 212 10.44 -19.25 -1.60
CA LYS A 212 10.33 -20.35 -0.63
C LYS A 212 11.67 -21.04 -0.42
N HIS A 213 12.38 -21.35 -1.50
CA HIS A 213 13.74 -21.87 -1.34
C HIS A 213 14.64 -20.87 -0.65
N ILE A 214 14.62 -19.60 -1.08
CA ILE A 214 15.63 -18.65 -0.63
C ILE A 214 15.26 -18.09 0.74
N GLU A 215 14.12 -17.43 0.84
CA GLU A 215 13.78 -16.85 2.13
C GLU A 215 13.33 -17.89 3.15
N GLY A 216 13.21 -19.15 2.77
CA GLY A 216 12.77 -20.18 3.70
C GLY A 216 11.36 -19.94 4.22
N TRP A 217 10.42 -19.71 3.32
CA TRP A 217 9.03 -19.51 3.66
C TRP A 217 8.25 -20.80 3.41
N SER A 218 6.96 -20.76 3.71
CA SER A 218 6.08 -21.90 3.45
C SER A 218 5.49 -21.79 2.04
N ALA A 219 4.80 -22.86 1.63
CA ALA A 219 4.15 -22.85 0.32
C ALA A 219 3.09 -21.75 0.23
N LEU A 220 2.52 -21.37 1.37
CA LEU A 220 1.52 -20.31 1.41
C LEU A 220 2.14 -18.93 1.59
N ASP A 221 3.06 -18.80 2.55
CA ASP A 221 3.67 -17.50 2.83
C ASP A 221 4.29 -16.89 1.58
N ALA A 222 4.82 -17.73 0.69
CA ALA A 222 5.37 -17.22 -0.57
C ALA A 222 4.27 -16.59 -1.42
N ILE A 223 3.21 -17.36 -1.71
CA ILE A 223 2.10 -16.83 -2.51
C ILE A 223 1.40 -15.71 -1.77
N TYR A 224 1.35 -15.78 -0.43
CA TYR A 224 0.84 -14.67 0.35
C TYR A 224 1.68 -13.42 0.13
N PHE A 225 3.00 -13.54 0.23
CA PHE A 225 3.89 -12.42 -0.02
C PHE A 225 3.70 -11.85 -1.43
N VAL A 226 3.64 -12.73 -2.44
CA VAL A 226 3.52 -12.28 -3.82
C VAL A 226 2.30 -11.40 -4.00
N VAL A 227 1.15 -11.85 -3.51
CA VAL A 227 -0.08 -11.08 -3.66
C VAL A 227 0.02 -9.76 -2.89
N ILE A 228 0.35 -9.83 -1.61
CA ILE A 228 0.42 -8.63 -0.78
C ILE A 228 1.40 -7.62 -1.35
N THR A 229 2.48 -8.09 -1.97
CA THR A 229 3.43 -7.18 -2.60
C THR A 229 2.85 -6.59 -3.89
N LEU A 230 2.45 -7.46 -4.82
CA LEU A 230 2.04 -7.00 -6.14
C LEU A 230 0.64 -6.40 -6.17
N THR A 231 -0.19 -6.64 -5.14
CA THR A 231 -1.39 -5.84 -4.94
C THR A 231 -1.09 -4.51 -4.25
N THR A 232 0.19 -4.15 -4.21
CA THR A 232 0.72 -2.92 -3.61
C THR A 232 0.08 -2.64 -2.23
N ILE A 233 -0.22 -3.71 -1.48
CA ILE A 233 -0.70 -3.57 -0.11
C ILE A 233 0.48 -3.51 0.83
N GLY A 234 1.30 -4.56 0.83
CA GLY A 234 2.55 -4.57 1.56
C GLY A 234 2.46 -4.40 3.07
N PHE A 235 1.91 -5.40 3.77
CA PHE A 235 1.86 -5.34 5.23
C PHE A 235 3.25 -5.19 5.81
N GLY A 236 4.18 -6.07 5.43
CA GLY A 236 5.51 -6.10 5.99
C GLY A 236 5.80 -7.31 6.84
N ASP A 237 4.78 -8.10 7.18
CA ASP A 237 5.00 -9.32 7.95
C ASP A 237 5.91 -10.30 7.21
N TYR A 238 5.96 -10.21 5.89
CA TYR A 238 6.91 -10.98 5.08
C TYR A 238 7.55 -10.04 4.09
N VAL A 239 8.88 -9.98 4.07
CA VAL A 239 9.62 -9.13 3.15
C VAL A 239 10.84 -9.89 2.66
N ALA A 240 11.07 -9.89 1.35
CA ALA A 240 12.27 -10.62 0.86
C ALA A 240 13.54 -9.98 1.43
N GLY A 241 13.42 -8.78 2.00
CA GLY A 241 14.57 -8.03 2.54
C GLY A 241 14.78 -8.21 4.04
N GLY A 242 14.01 -9.08 4.67
CA GLY A 242 14.13 -9.29 6.13
C GLY A 242 15.31 -10.17 6.51
N ASP A 249 23.99 -10.97 -3.95
CA ASP A 249 23.48 -9.71 -4.47
C ASP A 249 22.82 -9.86 -5.83
N PHE A 250 22.73 -11.12 -6.27
CA PHE A 250 21.97 -11.52 -7.46
C PHE A 250 20.48 -11.52 -7.21
N TYR A 251 20.07 -11.64 -5.94
CA TYR A 251 18.69 -11.85 -5.55
C TYR A 251 17.91 -10.54 -5.50
N LYS A 252 18.45 -9.53 -4.80
CA LYS A 252 17.69 -8.31 -4.50
C LYS A 252 17.37 -7.44 -5.73
N PRO A 253 18.18 -7.43 -6.80
CA PRO A 253 17.72 -6.69 -8.00
C PRO A 253 16.62 -7.39 -8.74
N VAL A 254 16.71 -8.72 -8.88
CA VAL A 254 15.67 -9.48 -9.58
C VAL A 254 14.34 -9.34 -8.85
N VAL A 255 14.37 -9.17 -7.54
CA VAL A 255 13.13 -8.99 -6.78
C VAL A 255 12.45 -7.70 -7.18
N TRP A 256 13.17 -6.58 -7.16
CA TRP A 256 12.56 -5.29 -7.51
C TRP A 256 12.07 -5.30 -8.95
N PHE A 257 12.88 -5.82 -9.87
CA PHE A 257 12.47 -5.88 -11.28
C PHE A 257 11.25 -6.78 -11.44
N TRP A 258 11.22 -7.91 -10.72
CA TRP A 258 10.01 -8.71 -10.62
C TRP A 258 8.81 -7.87 -10.16
N ILE A 259 8.99 -7.13 -9.07
CA ILE A 259 7.91 -6.27 -8.57
C ILE A 259 7.44 -5.33 -9.67
N LEU A 260 8.40 -4.68 -10.36
CA LEU A 260 8.07 -3.75 -11.43
C LEU A 260 7.14 -4.37 -12.46
N VAL A 261 7.49 -5.55 -12.97
CA VAL A 261 6.70 -6.15 -14.03
C VAL A 261 5.45 -6.82 -13.46
N GLY A 262 5.56 -7.40 -12.27
CA GLY A 262 4.41 -8.02 -11.65
C GLY A 262 3.31 -7.02 -11.31
N LEU A 263 3.70 -5.83 -10.85
CA LEU A 263 2.72 -4.78 -10.59
C LEU A 263 1.91 -4.46 -11.85
N ALA A 264 2.57 -4.49 -13.01
CA ALA A 264 1.85 -4.35 -14.27
C ALA A 264 0.89 -5.50 -14.48
N TYR A 265 1.28 -6.71 -14.08
CA TYR A 265 0.44 -7.88 -14.30
C TYR A 265 -0.82 -7.81 -13.45
N PHE A 266 -0.68 -7.59 -12.14
CA PHE A 266 -1.88 -7.48 -11.31
C PHE A 266 -2.70 -6.24 -11.65
N ALA A 267 -2.05 -5.20 -12.19
CA ALA A 267 -2.81 -4.05 -12.68
C ALA A 267 -3.84 -4.49 -13.71
N ALA A 268 -3.42 -5.33 -14.65
CA ALA A 268 -4.37 -5.90 -15.62
C ALA A 268 -5.33 -6.86 -14.93
N VAL A 269 -4.81 -7.73 -14.06
CA VAL A 269 -5.65 -8.72 -13.38
C VAL A 269 -6.77 -8.03 -12.60
N LEU A 270 -6.39 -7.10 -11.71
CA LEU A 270 -7.39 -6.36 -10.95
C LEU A 270 -8.33 -5.60 -11.87
N SER A 271 -7.83 -5.13 -13.02
CA SER A 271 -8.70 -4.42 -13.95
C SER A 271 -9.72 -5.36 -14.58
N MET A 272 -9.32 -6.59 -14.90
CA MET A 272 -10.27 -7.57 -15.41
C MET A 272 -11.31 -7.90 -14.34
N ILE A 273 -10.87 -8.09 -13.10
CA ILE A 273 -11.79 -8.40 -12.02
C ILE A 273 -12.81 -7.27 -11.85
N GLY A 274 -12.36 -6.02 -12.02
CA GLY A 274 -13.30 -4.90 -11.98
C GLY A 274 -14.36 -5.01 -13.05
N ASP A 275 -14.00 -5.50 -14.24
CA ASP A 275 -14.99 -5.67 -15.29
C ASP A 275 -15.98 -6.78 -14.96
N TRP A 276 -15.49 -7.91 -14.44
CA TRP A 276 -16.41 -8.99 -14.10
C TRP A 276 -17.39 -8.55 -13.03
N LEU A 277 -16.93 -7.74 -12.07
CA LEU A 277 -17.83 -7.19 -11.07
C LEU A 277 -18.89 -6.31 -11.73
N ARG A 278 -18.44 -5.43 -12.63
CA ARG A 278 -19.36 -4.58 -13.38
C ARG A 278 -20.39 -5.41 -14.15
N VAL A 279 -19.95 -6.54 -14.73
CA VAL A 279 -20.87 -7.45 -15.40
C VAL A 279 -21.86 -8.03 -14.40
N ILE A 280 -21.35 -8.70 -13.36
CA ILE A 280 -22.20 -9.35 -12.37
C ILE A 280 -23.11 -8.33 -11.69
N ALA A 281 -22.61 -7.13 -11.43
CA ALA A 281 -23.44 -6.11 -10.81
C ALA A 281 -24.62 -5.75 -11.72
N LYS A 282 -24.34 -5.61 -13.03
CA LYS A 282 -25.39 -5.31 -14.01
C LYS A 282 -26.24 -6.54 -14.32
N LYS A 283 -25.68 -7.74 -14.19
CA LYS A 283 -26.45 -8.96 -14.41
C LYS A 283 -27.40 -9.24 -13.26
N THR A 284 -27.00 -8.92 -12.03
CA THR A 284 -27.91 -9.05 -10.90
C THR A 284 -28.87 -7.88 -10.80
N LYS A 285 -28.56 -6.75 -11.44
CA LYS A 285 -29.50 -5.64 -11.51
C LYS A 285 -30.69 -6.00 -12.39
N GLU A 286 -30.43 -6.64 -13.54
CA GLU A 286 -31.53 -7.10 -14.38
C GLU A 286 -32.31 -8.24 -13.72
N ALA A 287 -31.61 -9.08 -12.95
CA ALA A 287 -32.25 -10.23 -12.31
C ALA A 287 -33.22 -9.80 -11.21
N VAL A 288 -32.91 -8.72 -10.51
CA VAL A 288 -33.85 -8.21 -9.52
C VAL A 288 -34.99 -7.47 -10.22
N GLY A 289 -34.71 -6.82 -11.35
CA GLY A 289 -35.78 -6.29 -12.17
C GLY A 289 -36.68 -7.38 -12.72
N GLU A 290 -36.08 -8.53 -13.05
CA GLU A 290 -36.87 -9.72 -13.38
C GLU A 290 -37.81 -10.08 -12.25
N PHE A 291 -37.26 -10.33 -11.06
CA PHE A 291 -38.05 -10.79 -9.94
C PHE A 291 -39.16 -9.80 -9.58
N ARG A 292 -38.82 -8.51 -9.49
CA ARG A 292 -39.77 -7.52 -8.98
C ARG A 292 -40.93 -7.29 -9.94
N ALA A 293 -40.71 -7.47 -11.24
CA ALA A 293 -41.83 -7.40 -12.18
C ALA A 293 -42.63 -8.70 -12.19
N HIS A 294 -41.97 -9.84 -12.04
CA HIS A 294 -42.69 -11.11 -12.06
C HIS A 294 -43.33 -11.42 -10.71
N ALA A 295 -42.65 -11.02 -9.62
CA ALA A 295 -43.24 -10.99 -8.29
C ALA A 295 -44.72 -10.71 -8.37
N ALA A 296 -44.99 -9.65 -9.16
CA ALA A 296 -46.18 -8.82 -9.08
C ALA A 296 -46.90 -8.63 -10.40
N GLU A 297 -46.40 -9.18 -11.51
CA GLU A 297 -47.27 -9.62 -12.59
C GLU A 297 -48.40 -10.37 -11.94
N TRP A 298 -48.00 -11.17 -10.96
CA TRP A 298 -48.87 -11.99 -10.13
C TRP A 298 -49.77 -11.13 -9.24
N THR A 299 -49.23 -10.04 -8.68
CA THR A 299 -50.02 -9.19 -7.79
C THR A 299 -51.22 -8.59 -8.50
N ALA A 300 -51.12 -8.37 -9.81
CA ALA A 300 -52.25 -7.86 -10.58
C ALA A 300 -53.42 -8.83 -10.52
N ASN A 301 -53.15 -10.14 -10.64
CA ASN A 301 -54.20 -11.13 -10.66
C ASN A 301 -54.95 -11.20 -9.33
N VAL A 302 -56.17 -10.66 -9.31
CA VAL A 302 -57.01 -10.67 -8.12
C VAL A 302 -58.45 -10.96 -8.50
N SER B 18 6.30 -2.25 -37.05
CA SER B 18 6.43 -1.93 -35.64
C SER B 18 7.31 -0.71 -35.43
N ALA B 19 7.06 0.35 -36.19
CA ALA B 19 7.85 1.57 -36.09
C ALA B 19 7.59 2.28 -34.77
N ILE B 20 6.32 2.58 -34.48
CA ILE B 20 5.96 3.26 -33.25
C ILE B 20 6.28 2.40 -32.03
N ASN B 21 6.29 1.07 -32.20
CA ASN B 21 6.65 0.19 -31.10
C ASN B 21 8.08 0.42 -30.65
N VAL B 22 8.99 0.71 -31.59
CA VAL B 22 10.32 1.14 -31.21
C VAL B 22 10.28 2.55 -30.66
N MET B 23 9.47 3.42 -31.25
CA MET B 23 9.31 4.78 -30.74
C MET B 23 8.70 4.79 -29.34
N LYS B 24 8.08 3.68 -28.93
CA LYS B 24 7.61 3.51 -27.57
C LYS B 24 8.68 2.89 -26.67
N TRP B 25 9.34 1.82 -27.14
CA TRP B 25 10.36 1.19 -26.31
C TRP B 25 11.51 2.15 -26.03
N LYS B 26 11.89 2.94 -27.04
CA LYS B 26 12.78 4.07 -26.79
C LYS B 26 12.28 4.88 -25.60
N THR B 27 10.98 5.15 -25.56
CA THR B 27 10.51 6.13 -24.59
C THR B 27 10.30 5.50 -23.21
N VAL B 28 10.05 4.19 -23.16
CA VAL B 28 9.97 3.50 -21.86
C VAL B 28 11.36 3.34 -21.26
N SER B 29 12.34 2.98 -22.09
CA SER B 29 13.71 2.80 -21.60
C SER B 29 14.26 4.10 -21.02
N THR B 30 14.02 5.22 -21.70
CA THR B 30 14.46 6.51 -21.17
C THR B 30 13.81 6.80 -19.83
N ILE B 31 12.50 6.54 -19.72
CA ILE B 31 11.81 6.72 -18.43
C ILE B 31 12.39 5.78 -17.39
N PHE B 32 12.70 4.54 -17.79
CA PHE B 32 13.29 3.56 -16.87
C PHE B 32 14.54 4.12 -16.22
N LEU B 33 15.48 4.60 -17.03
CA LEU B 33 16.74 5.11 -16.48
C LEU B 33 16.52 6.33 -15.60
N VAL B 34 15.51 7.16 -15.92
CA VAL B 34 15.17 8.29 -15.06
C VAL B 34 14.76 7.80 -13.69
N VAL B 35 13.88 6.81 -13.63
CA VAL B 35 13.42 6.26 -12.36
C VAL B 35 14.59 5.65 -11.60
N VAL B 36 15.45 4.90 -12.30
CA VAL B 36 16.63 4.32 -11.66
C VAL B 36 17.50 5.41 -11.06
N LEU B 37 17.82 6.44 -11.86
CA LEU B 37 18.46 7.64 -11.31
C LEU B 37 17.73 8.19 -10.10
N TYR B 38 16.42 8.39 -10.24
CA TYR B 38 15.64 8.96 -9.15
C TYR B 38 15.79 8.13 -7.88
N LEU B 39 15.77 6.80 -8.01
CA LEU B 39 15.93 5.93 -6.85
C LEU B 39 17.34 6.03 -6.28
N ILE B 40 18.36 6.02 -7.15
CA ILE B 40 19.75 6.14 -6.69
C ILE B 40 19.94 7.45 -5.95
N ILE B 41 19.44 8.55 -6.52
CA ILE B 41 19.47 9.83 -5.82
C ILE B 41 18.75 9.72 -4.50
N GLY B 42 17.54 9.15 -4.52
CA GLY B 42 16.79 8.99 -3.28
C GLY B 42 17.50 8.08 -2.29
N ALA B 43 18.04 6.96 -2.78
CA ALA B 43 18.78 6.05 -1.91
C ALA B 43 19.89 6.76 -1.16
N THR B 44 20.72 7.50 -1.90
CA THR B 44 21.83 8.22 -1.26
C THR B 44 21.33 9.20 -0.21
N VAL B 45 20.21 9.88 -0.48
CA VAL B 45 19.73 10.89 0.45
C VAL B 45 19.19 10.25 1.74
N PHE B 46 18.47 9.14 1.61
CA PHE B 46 17.91 8.50 2.82
C PHE B 46 19.02 7.97 3.73
N LYS B 47 19.94 7.16 3.19
CA LYS B 47 21.01 6.63 4.03
C LYS B 47 21.89 7.75 4.58
N ALA B 48 21.93 8.91 3.92
CA ALA B 48 22.64 10.05 4.50
C ALA B 48 21.84 10.70 5.63
N LEU B 49 20.51 10.51 5.64
CA LEU B 49 19.65 11.10 6.66
C LEU B 49 19.30 10.14 7.79
N GLU B 50 19.48 8.84 7.62
CA GLU B 50 19.03 7.85 8.60
C GLU B 50 20.13 7.02 9.21
N GLN B 51 21.16 6.65 8.42
CA GLN B 51 22.21 5.81 8.96
C GLN B 51 22.97 6.42 10.14
N PRO B 52 23.14 7.76 10.25
CA PRO B 52 23.65 8.32 11.53
C PRO B 52 22.77 8.01 12.73
N GLN B 53 21.48 8.37 12.66
CA GLN B 53 20.56 7.99 13.72
C GLN B 53 20.54 6.48 13.95
N GLU B 54 20.78 5.70 12.89
CA GLU B 54 20.80 4.25 13.03
C GLU B 54 21.88 3.81 14.00
N ILE B 55 23.10 4.33 13.83
CA ILE B 55 24.23 3.86 14.62
C ILE B 55 24.13 4.40 16.04
N SER B 56 23.73 5.66 16.19
CA SER B 56 23.57 6.24 17.52
C SER B 56 22.59 5.45 18.35
N GLN B 57 21.46 5.06 17.74
CA GLN B 57 20.46 4.26 18.43
C GLN B 57 20.93 2.84 18.69
N ARG B 58 21.86 2.32 17.90
CA ARG B 58 22.25 0.93 18.04
C ARG B 58 23.51 0.78 18.89
N THR B 59 24.30 1.84 19.08
CA THR B 59 25.34 1.78 20.10
C THR B 59 24.74 2.00 21.48
N THR B 60 23.73 2.88 21.58
CA THR B 60 23.01 3.07 22.82
C THR B 60 22.12 1.88 23.16
N ILE B 61 22.01 0.90 22.27
CA ILE B 61 21.28 -0.31 22.63
C ILE B 61 22.28 -1.35 23.15
N VAL B 62 23.53 -1.31 22.65
CA VAL B 62 24.59 -2.16 23.20
C VAL B 62 24.97 -1.68 24.60
N ILE B 63 24.91 -0.37 24.84
CA ILE B 63 25.11 0.15 26.18
C ILE B 63 24.05 -0.40 27.13
N GLN B 64 22.78 -0.30 26.71
CA GLN B 64 21.70 -0.79 27.57
C GLN B 64 21.73 -2.30 27.75
N ARG B 65 22.31 -3.03 26.80
CA ARG B 65 22.42 -4.48 26.96
C ARG B 65 23.37 -4.82 28.10
N GLU B 66 24.63 -4.36 27.98
CA GLU B 66 25.64 -4.62 29.00
C GLU B 66 25.44 -3.80 30.26
N LYS B 67 24.54 -2.83 30.26
CA LYS B 67 24.13 -2.20 31.51
C LYS B 67 23.16 -3.09 32.28
N PHE B 68 22.37 -3.88 31.56
CA PHE B 68 21.46 -4.84 32.17
C PHE B 68 22.14 -6.18 32.43
N LEU B 69 23.29 -6.45 31.80
CA LEU B 69 24.03 -7.69 32.06
C LEU B 69 24.83 -7.61 33.36
N ARG B 70 25.75 -6.63 33.47
CA ARG B 70 26.56 -6.58 34.68
C ARG B 70 25.82 -5.98 35.88
N ALA B 71 24.62 -5.41 35.68
CA ALA B 71 23.79 -5.01 36.82
C ALA B 71 22.85 -6.11 37.27
N HIS B 72 22.86 -7.26 36.61
CA HIS B 72 22.08 -8.42 37.02
C HIS B 72 22.78 -9.70 36.58
N PRO B 73 24.02 -10.00 36.99
CA PRO B 73 24.66 -11.20 36.44
C PRO B 73 23.89 -12.50 36.71
N CYS B 74 22.85 -12.49 37.54
CA CYS B 74 21.90 -13.60 37.55
C CYS B 74 21.17 -13.63 36.21
N ASP B 77 23.02 -16.72 30.47
CA ASP B 77 23.31 -15.33 30.16
C ASP B 77 23.46 -15.21 28.65
N GLN B 78 23.71 -16.35 28.01
CA GLN B 78 23.37 -16.53 26.60
C GLN B 78 21.87 -16.40 26.38
N GLU B 79 21.10 -16.26 27.46
CA GLU B 79 19.67 -16.53 27.46
C GLU B 79 18.82 -15.29 27.72
N LEU B 80 19.42 -14.18 28.18
CA LEU B 80 18.90 -12.86 27.80
C LEU B 80 18.47 -12.90 26.34
N ASP B 81 19.34 -13.45 25.47
CA ASP B 81 19.02 -13.56 24.05
C ASP B 81 17.75 -14.37 23.83
N GLU B 82 17.62 -15.47 24.55
CA GLU B 82 16.49 -16.33 24.25
C GLU B 82 15.20 -15.84 24.89
N LEU B 83 15.28 -14.76 25.67
CA LEU B 83 14.13 -13.90 25.99
C LEU B 83 13.84 -12.94 24.83
N ILE B 84 14.87 -12.25 24.35
CA ILE B 84 14.67 -11.26 23.30
C ILE B 84 14.13 -11.90 22.03
N GLN B 85 14.59 -13.11 21.73
CA GLN B 85 14.03 -13.83 20.59
C GLN B 85 12.55 -14.11 20.80
N GLN B 86 12.15 -14.43 22.04
CA GLN B 86 10.75 -14.64 22.34
C GLN B 86 9.96 -13.34 22.42
N ILE B 87 10.63 -12.22 22.72
CA ILE B 87 9.97 -10.93 22.69
C ILE B 87 9.84 -10.43 21.25
N VAL B 88 10.88 -10.63 20.44
CA VAL B 88 10.77 -10.31 19.01
C VAL B 88 9.86 -11.32 18.32
N ALA B 89 9.74 -12.53 18.87
CA ALA B 89 8.69 -13.43 18.40
C ALA B 89 7.32 -12.98 18.90
N ALA B 90 7.28 -12.13 19.94
CA ALA B 90 6.07 -11.43 20.33
C ALA B 90 5.91 -10.11 19.57
N ASP B 91 6.95 -9.67 18.86
CA ASP B 91 6.81 -8.57 17.92
C ASP B 91 5.91 -8.98 16.76
N ASN B 92 6.08 -10.16 16.22
CA ASN B 92 5.30 -10.33 15.01
C ASN B 92 3.80 -10.66 15.36
N ALA B 93 3.41 -10.54 16.66
CA ALA B 93 2.02 -10.34 17.08
C ALA B 93 2.01 -9.41 18.31
N GLY B 94 1.87 -8.10 18.06
CA GLY B 94 1.92 -7.08 19.09
C GLY B 94 2.89 -7.27 20.26
N ALA B 100 2.27 -5.30 35.59
CA ALA B 100 0.83 -5.08 35.64
C ALA B 100 0.17 -5.43 34.31
N SER B 101 -1.16 -5.51 34.33
CA SER B 101 -1.98 -5.78 33.15
C SER B 101 -1.59 -7.10 32.50
N SER B 102 -1.80 -8.19 33.25
CA SER B 102 -1.73 -9.52 32.63
C SER B 102 -2.90 -9.76 31.69
N ASN B 103 -3.95 -8.94 31.76
CA ASN B 103 -5.01 -8.91 30.77
C ASN B 103 -4.79 -7.71 29.85
N GLN B 104 -4.72 -7.97 28.55
CA GLN B 104 -4.41 -6.97 27.53
C GLN B 104 -5.68 -6.56 26.79
N VAL B 105 -5.51 -5.80 25.72
CA VAL B 105 -6.62 -5.38 24.89
C VAL B 105 -6.62 -6.27 23.64
N SER B 106 -7.73 -6.27 22.92
CA SER B 106 -7.90 -7.12 21.74
C SER B 106 -7.42 -6.39 20.50
N HIS B 107 -6.48 -7.00 19.75
CA HIS B 107 -6.35 -6.50 18.40
C HIS B 107 -7.60 -6.83 17.60
N TRP B 108 -7.65 -8.07 17.12
CA TRP B 108 -8.67 -8.57 16.22
C TRP B 108 -10.03 -8.56 16.91
N ASP B 109 -10.51 -7.37 17.27
CA ASP B 109 -11.78 -7.25 17.96
C ASP B 109 -12.88 -6.98 16.95
N LEU B 110 -14.06 -6.58 17.45
CA LEU B 110 -15.17 -6.25 16.56
C LEU B 110 -14.79 -5.15 15.58
N GLY B 111 -13.94 -4.22 16.00
CA GLY B 111 -13.61 -3.07 15.17
C GLY B 111 -12.33 -3.17 14.37
N SER B 112 -11.26 -3.65 14.99
CA SER B 112 -9.96 -3.67 14.31
C SER B 112 -9.96 -4.58 13.10
N SER B 113 -10.82 -5.61 13.09
CA SER B 113 -10.93 -6.45 11.91
C SER B 113 -11.66 -5.73 10.78
N PHE B 114 -12.51 -4.76 11.11
CA PHE B 114 -13.10 -3.90 10.08
C PHE B 114 -12.04 -2.99 9.48
N PHE B 115 -11.28 -2.30 10.35
CA PHE B 115 -10.21 -1.42 9.87
CA PHE B 115 -10.21 -1.42 9.87
C PHE B 115 -9.16 -2.20 9.08
N PHE B 116 -8.84 -3.42 9.52
CA PHE B 116 -7.93 -4.27 8.76
C PHE B 116 -8.42 -4.45 7.34
N ALA B 117 -9.66 -4.89 7.18
CA ALA B 117 -10.24 -5.03 5.84
C ALA B 117 -10.19 -3.72 5.08
N GLY B 118 -10.43 -2.60 5.77
CA GLY B 118 -10.32 -1.31 5.13
C GLY B 118 -8.93 -1.05 4.56
N THR B 119 -7.89 -1.50 5.28
CA THR B 119 -6.54 -1.35 4.76
C THR B 119 -6.29 -2.29 3.58
N VAL B 120 -7.00 -3.41 3.53
CA VAL B 120 -6.74 -4.39 2.49
C VAL B 120 -7.32 -3.94 1.15
N ILE B 121 -8.55 -3.40 1.15
CA ILE B 121 -9.16 -3.00 -0.10
C ILE B 121 -8.59 -1.69 -0.61
N THR B 122 -8.17 -0.79 0.30
CA THR B 122 -7.54 0.45 -0.10
C THR B 122 -6.08 0.29 -0.45
N THR B 123 -5.55 -0.94 -0.36
CA THR B 123 -4.14 -1.24 -0.61
C THR B 123 -3.20 -0.43 0.26
N ILE B 124 -3.70 0.16 1.34
CA ILE B 124 -2.82 0.84 2.30
C ILE B 124 -1.97 -0.19 3.03
N GLY B 125 -2.63 -1.12 3.74
CA GLY B 125 -1.95 -2.20 4.43
C GLY B 125 -0.84 -1.76 5.37
N PHE B 126 -1.21 -1.06 6.46
CA PHE B 126 -0.23 -0.61 7.44
C PHE B 126 0.62 -1.77 7.96
N GLY B 127 0.00 -2.94 8.12
CA GLY B 127 0.71 -4.10 8.62
C GLY B 127 0.77 -4.21 10.13
N ASN B 128 0.33 -3.18 10.85
CA ASN B 128 0.26 -3.24 12.31
C ASN B 128 -0.49 -4.48 12.78
N ILE B 129 -1.55 -4.85 12.07
CA ILE B 129 -2.27 -6.11 12.28
C ILE B 129 -2.31 -6.84 10.95
N SER B 130 -1.84 -8.09 10.95
CA SER B 130 -1.77 -8.89 9.75
C SER B 130 -2.16 -10.33 10.11
N PRO B 131 -2.68 -11.09 9.15
CA PRO B 131 -3.16 -12.44 9.49
C PRO B 131 -1.99 -13.38 9.78
N ARG B 132 -2.21 -14.27 10.77
CA ARG B 132 -1.30 -15.37 11.07
C ARG B 132 -1.88 -16.75 10.79
N THR B 133 -3.20 -16.87 10.71
CA THR B 133 -3.83 -18.12 10.34
C THR B 133 -3.64 -18.36 8.84
N GLU B 134 -3.36 -19.62 8.48
CA GLU B 134 -3.24 -19.97 7.07
C GLU B 134 -4.53 -19.66 6.32
N GLY B 135 -5.68 -19.90 6.95
CA GLY B 135 -6.95 -19.57 6.32
C GLY B 135 -7.16 -18.07 6.22
N GLY B 136 -6.78 -17.33 7.26
CA GLY B 136 -6.87 -15.87 7.20
C GLY B 136 -6.04 -15.29 6.07
N LYS B 137 -4.83 -15.83 5.86
CA LYS B 137 -4.01 -15.40 4.74
C LYS B 137 -4.70 -15.70 3.41
N ILE B 138 -5.18 -16.95 3.24
CA ILE B 138 -5.87 -17.32 2.01
C ILE B 138 -7.11 -16.47 1.82
N PHE B 139 -7.84 -16.21 2.91
CA PHE B 139 -8.99 -15.31 2.82
C PHE B 139 -8.55 -13.90 2.46
N CYS B 140 -7.48 -13.41 3.10
CA CYS B 140 -6.98 -12.08 2.79
C CYS B 140 -6.63 -11.93 1.32
N ILE B 141 -6.05 -12.98 0.72
CA ILE B 141 -5.73 -12.96 -0.71
C ILE B 141 -7.00 -12.81 -1.53
N ILE B 142 -7.95 -13.70 -1.32
CA ILE B 142 -9.21 -13.65 -2.07
C ILE B 142 -9.96 -12.36 -1.77
N TYR B 143 -9.91 -11.93 -0.51
CA TYR B 143 -10.63 -10.71 -0.11
C TYR B 143 -10.08 -9.49 -0.84
N ALA B 144 -8.75 -9.46 -1.06
CA ALA B 144 -8.12 -8.33 -1.72
C ALA B 144 -8.37 -8.35 -3.23
N LEU B 145 -8.13 -9.50 -3.87
CA LEU B 145 -8.34 -9.61 -5.32
C LEU B 145 -9.75 -9.22 -5.73
N LEU B 146 -10.71 -9.33 -4.81
CA LEU B 146 -12.07 -8.89 -5.05
C LEU B 146 -12.38 -7.52 -4.45
N GLY B 147 -11.78 -7.21 -3.31
CA GLY B 147 -12.04 -5.96 -2.62
C GLY B 147 -11.37 -4.77 -3.27
N ILE B 148 -10.14 -4.93 -3.73
CA ILE B 148 -9.43 -3.83 -4.41
C ILE B 148 -10.22 -3.33 -5.60
N PRO B 149 -10.65 -4.15 -6.57
CA PRO B 149 -11.44 -3.61 -7.68
C PRO B 149 -12.75 -2.99 -7.22
N LEU B 150 -13.46 -3.67 -6.33
CA LEU B 150 -14.71 -3.15 -5.79
C LEU B 150 -14.52 -1.75 -5.20
N PHE B 151 -13.47 -1.59 -4.38
CA PHE B 151 -13.22 -0.29 -3.77
C PHE B 151 -12.93 0.78 -4.83
N GLY B 152 -12.27 0.40 -5.91
CA GLY B 152 -11.97 1.35 -6.97
C GLY B 152 -13.22 2.00 -7.52
N PHE B 153 -14.28 1.21 -7.73
CA PHE B 153 -15.54 1.78 -8.21
C PHE B 153 -16.10 2.78 -7.22
N LEU B 154 -16.07 2.45 -5.92
CA LEU B 154 -16.48 3.40 -4.90
C LEU B 154 -15.67 4.68 -4.99
N LEU B 155 -14.34 4.56 -4.91
CA LEU B 155 -13.48 5.74 -4.93
C LEU B 155 -13.67 6.53 -6.22
N ALA B 156 -13.83 5.84 -7.35
CA ALA B 156 -14.10 6.54 -8.60
C ALA B 156 -15.40 7.35 -8.52
N GLY B 157 -16.43 6.75 -7.92
CA GLY B 157 -17.67 7.49 -7.74
C GLY B 157 -17.54 8.61 -6.71
N VAL B 158 -16.83 8.34 -5.62
CA VAL B 158 -16.59 9.37 -4.61
C VAL B 158 -15.76 10.51 -5.20
N GLY B 159 -14.77 10.16 -6.03
CA GLY B 159 -13.97 11.19 -6.69
C GLY B 159 -14.79 12.00 -7.67
N ASP B 160 -15.52 11.31 -8.56
CA ASP B 160 -16.41 11.99 -9.50
C ASP B 160 -17.39 12.90 -8.77
N GLN B 161 -18.00 12.38 -7.70
CA GLN B 161 -18.93 13.19 -6.92
C GLN B 161 -18.24 14.44 -6.38
N LEU B 162 -17.07 14.26 -5.76
CA LEU B 162 -16.38 15.40 -5.16
C LEU B 162 -15.86 16.36 -6.23
N GLY B 163 -15.40 15.83 -7.36
CA GLY B 163 -14.93 16.68 -8.43
C GLY B 163 -16.01 17.57 -9.00
N THR B 164 -17.25 17.08 -9.02
CA THR B 164 -18.37 17.89 -9.48
C THR B 164 -18.88 18.84 -8.39
N ILE B 165 -18.72 18.47 -7.11
CA ILE B 165 -19.01 19.40 -6.03
C ILE B 165 -18.10 20.61 -6.13
N PHE B 166 -16.81 20.37 -6.35
CA PHE B 166 -15.87 21.45 -6.69
C PHE B 166 -16.33 22.21 -7.92
N GLY B 167 -16.64 21.48 -8.99
CA GLY B 167 -17.10 22.04 -10.26
C GLY B 167 -18.15 23.13 -10.13
N LYS B 168 -19.05 22.99 -9.16
CA LYS B 168 -20.02 24.04 -8.89
C LYS B 168 -19.36 25.24 -8.23
N GLY B 169 -18.58 25.00 -7.17
CA GLY B 169 -17.97 26.10 -6.45
C GLY B 169 -16.92 26.85 -7.25
N ILE B 170 -16.19 26.13 -8.12
CA ILE B 170 -15.18 26.78 -8.96
C ILE B 170 -15.85 27.61 -10.04
N ALA B 171 -16.95 27.11 -10.62
CA ALA B 171 -17.67 27.87 -11.64
C ALA B 171 -18.22 29.18 -11.07
N LYS B 172 -18.56 29.18 -9.77
CA LYS B 172 -19.01 30.41 -9.12
C LYS B 172 -17.87 31.39 -8.95
N VAL B 173 -16.69 30.90 -8.56
CA VAL B 173 -15.58 31.77 -8.21
C VAL B 173 -14.80 32.25 -9.43
N GLU B 174 -14.89 31.54 -10.56
CA GLU B 174 -14.18 32.01 -11.74
C GLU B 174 -14.91 33.18 -12.42
N ASP B 175 -16.24 33.11 -12.57
CA ASP B 175 -16.95 34.23 -13.18
C ASP B 175 -16.72 35.55 -12.43
N THR B 176 -16.41 35.49 -11.14
CA THR B 176 -16.11 36.73 -10.43
C THR B 176 -14.73 37.28 -10.77
N PHE B 177 -13.88 36.47 -11.38
CA PHE B 177 -12.60 36.93 -11.92
C PHE B 177 -12.61 37.15 -13.42
N ILE B 178 -13.72 36.94 -14.13
CA ILE B 178 -13.60 37.06 -15.58
C ILE B 178 -13.82 38.53 -15.93
N LYS B 179 -12.95 39.38 -15.37
CA LYS B 179 -13.21 40.82 -15.25
C LYS B 179 -13.43 41.51 -16.60
N SER B 183 -8.49 36.69 -18.93
CA SER B 183 -8.57 35.80 -20.07
C SER B 183 -8.92 34.38 -19.65
N GLN B 184 -9.44 33.59 -20.61
CA GLN B 184 -9.82 32.21 -20.32
C GLN B 184 -8.63 31.36 -19.89
N THR B 185 -7.41 31.82 -20.14
CA THR B 185 -6.24 30.96 -19.99
C THR B 185 -5.52 31.04 -18.65
N LYS B 186 -5.33 32.23 -18.09
CA LYS B 186 -4.63 32.34 -16.84
C LYS B 186 -5.52 32.15 -15.62
N ILE B 187 -6.85 32.13 -15.82
CA ILE B 187 -7.74 31.90 -14.69
C ILE B 187 -7.82 30.43 -14.33
N ARG B 188 -7.39 29.53 -15.22
CA ARG B 188 -7.20 28.14 -14.80
C ARG B 188 -6.18 28.05 -13.67
N ILE B 189 -5.16 28.93 -13.66
CA ILE B 189 -4.08 28.82 -12.68
C ILE B 189 -4.55 29.27 -11.30
N ILE B 190 -5.25 30.40 -11.20
CA ILE B 190 -5.89 30.79 -9.95
C ILE B 190 -6.83 29.69 -9.49
N SER B 191 -7.45 28.98 -10.43
CA SER B 191 -8.39 27.93 -10.08
C SER B 191 -7.69 26.77 -9.37
N THR B 192 -6.66 26.22 -10.00
CA THR B 192 -5.94 25.08 -9.40
C THR B 192 -5.32 25.46 -8.07
N ILE B 193 -4.90 26.71 -7.90
CA ILE B 193 -4.31 27.13 -6.64
C ILE B 193 -5.38 27.15 -5.55
N ILE B 194 -6.58 27.62 -5.89
CA ILE B 194 -7.71 27.51 -4.98
C ILE B 194 -7.95 26.06 -4.61
N PHE B 195 -7.91 25.17 -5.60
CA PHE B 195 -8.15 23.75 -5.37
C PHE B 195 -7.15 23.17 -4.38
N ILE B 196 -5.85 23.35 -4.66
CA ILE B 196 -4.82 22.73 -3.81
C ILE B 196 -4.85 23.34 -2.42
N LEU B 197 -5.05 24.65 -2.33
CA LEU B 197 -5.09 25.34 -1.04
C LEU B 197 -6.21 24.81 -0.14
N PHE B 198 -7.47 24.97 -0.59
CA PHE B 198 -8.60 24.39 0.16
C PHE B 198 -8.41 22.92 0.49
N GLY B 199 -8.14 22.10 -0.51
CA GLY B 199 -8.02 20.67 -0.25
C GLY B 199 -6.95 20.37 0.79
N CYS B 200 -5.84 21.09 0.73
CA CYS B 200 -4.76 20.84 1.69
C CYS B 200 -5.18 21.30 3.08
N VAL B 201 -6.07 22.30 3.15
CA VAL B 201 -6.67 22.69 4.43
C VAL B 201 -7.61 21.61 4.93
N LEU B 202 -8.56 21.20 4.08
CA LEU B 202 -9.59 20.25 4.52
C LEU B 202 -9.03 18.86 4.72
N PHE B 203 -8.22 18.37 3.78
CA PHE B 203 -7.86 16.96 3.75
C PHE B 203 -6.50 16.67 4.38
N VAL B 204 -5.64 17.67 4.58
CA VAL B 204 -4.32 17.48 5.15
C VAL B 204 -4.20 18.19 6.50
N ALA B 205 -4.39 19.51 6.52
CA ALA B 205 -4.15 20.29 7.73
C ALA B 205 -5.09 19.87 8.86
N LEU B 206 -6.39 20.02 8.65
CA LEU B 206 -7.35 19.78 9.73
C LEU B 206 -7.29 18.37 10.30
N PRO B 207 -7.31 17.30 9.50
CA PRO B 207 -7.26 15.96 10.11
C PRO B 207 -5.91 15.66 10.76
N ALA B 208 -4.83 16.26 10.29
CA ALA B 208 -3.54 16.10 10.96
C ALA B 208 -3.56 16.74 12.34
N VAL B 209 -4.15 17.93 12.44
CA VAL B 209 -4.30 18.60 13.74
C VAL B 209 -5.13 17.73 14.68
N ILE B 210 -6.22 17.17 14.17
CA ILE B 210 -7.06 16.29 14.98
C ILE B 210 -6.26 15.09 15.48
N PHE B 211 -5.42 14.51 14.62
CA PHE B 211 -4.58 13.39 15.02
C PHE B 211 -3.56 13.82 16.07
N LYS B 212 -2.96 15.00 15.88
CA LYS B 212 -1.96 15.48 16.83
C LYS B 212 -2.58 15.65 18.22
N HIS B 213 -3.81 16.19 18.27
CA HIS B 213 -4.52 16.40 19.52
C HIS B 213 -5.06 15.11 20.12
N ILE B 214 -5.27 14.07 19.31
CA ILE B 214 -5.83 12.80 19.80
C ILE B 214 -4.74 11.74 19.92
N GLU B 215 -4.08 11.40 18.82
CA GLU B 215 -3.05 10.38 18.93
C GLU B 215 -1.78 10.86 19.63
N GLY B 216 -1.69 12.13 19.98
CA GLY B 216 -0.50 12.63 20.65
C GLY B 216 0.75 12.53 19.79
N TRP B 217 0.66 13.00 18.55
CA TRP B 217 1.78 13.02 17.62
C TRP B 217 2.40 14.41 17.58
N SER B 218 3.46 14.55 16.80
CA SER B 218 4.10 15.84 16.60
C SER B 218 3.46 16.58 15.42
N ALA B 219 3.86 17.84 15.25
CA ALA B 219 3.35 18.62 14.13
C ALA B 219 3.73 18.00 12.79
N LEU B 220 4.84 17.26 12.75
CA LEU B 220 5.29 16.60 11.54
C LEU B 220 4.69 15.21 11.40
N ASP B 221 4.75 14.40 12.47
CA ASP B 221 4.25 13.03 12.41
C ASP B 221 2.80 12.98 11.92
N ALA B 222 2.00 13.98 12.28
CA ALA B 222 0.63 14.05 11.79
C ALA B 222 0.59 14.19 10.27
N ILE B 223 1.26 15.23 9.75
CA ILE B 223 1.29 15.45 8.31
C ILE B 223 2.04 14.31 7.62
N TYR B 224 3.04 13.73 8.28
CA TYR B 224 3.69 12.53 7.76
C TYR B 224 2.69 11.39 7.62
N PHE B 225 1.92 11.13 8.69
CA PHE B 225 0.90 10.10 8.63
C PHE B 225 -0.11 10.35 7.51
N VAL B 226 -0.60 11.59 7.41
CA VAL B 226 -1.62 11.92 6.41
C VAL B 226 -1.15 11.56 5.02
N VAL B 227 0.07 11.98 4.66
CA VAL B 227 0.59 11.71 3.33
C VAL B 227 0.78 10.21 3.12
N ILE B 228 1.50 9.56 4.04
CA ILE B 228 1.78 8.13 3.91
C ILE B 228 0.49 7.32 3.82
N THR B 229 -0.56 7.76 4.52
CA THR B 229 -1.84 7.07 4.43
C THR B 229 -2.53 7.35 3.10
N LEU B 230 -2.73 8.63 2.77
CA LEU B 230 -3.52 8.99 1.60
C LEU B 230 -2.76 8.83 0.29
N THR B 231 -1.43 8.75 0.34
CA THR B 231 -0.67 8.25 -0.82
C THR B 231 -0.69 6.75 -0.89
N THR B 232 -1.57 6.10 -0.11
CA THR B 232 -1.71 4.64 -0.13
C THR B 232 -0.37 3.91 -0.05
N ILE B 233 0.58 4.50 0.66
CA ILE B 233 1.85 3.83 0.93
C ILE B 233 1.73 3.03 2.22
N GLY B 234 1.43 3.71 3.33
CA GLY B 234 1.13 3.06 4.59
C GLY B 234 2.24 2.21 5.19
N PHE B 235 3.33 2.85 5.64
CA PHE B 235 4.39 2.09 6.30
C PHE B 235 3.87 1.34 7.51
N GLY B 236 3.18 2.04 8.41
CA GLY B 236 2.71 1.47 9.65
C GLY B 236 3.41 2.00 10.87
N ASP B 237 4.51 2.74 10.71
CA ASP B 237 5.19 3.35 11.85
C ASP B 237 4.29 4.31 12.62
N TYR B 238 3.28 4.87 11.96
CA TYR B 238 2.25 5.68 12.61
C TYR B 238 0.90 5.21 12.11
N VAL B 239 0.01 4.85 13.02
CA VAL B 239 -1.34 4.40 12.68
C VAL B 239 -2.31 4.99 13.68
N ALA B 240 -3.38 5.61 13.18
CA ALA B 240 -4.43 6.14 14.05
C ALA B 240 -5.29 5.02 14.61
N ASP B 249 -15.55 6.21 20.20
CA ASP B 249 -15.74 5.25 19.13
C ASP B 249 -16.32 6.08 17.98
N PHE B 250 -16.27 7.40 18.16
CA PHE B 250 -16.60 8.31 17.08
C PHE B 250 -15.38 8.67 16.27
N TYR B 251 -14.19 8.47 16.84
CA TYR B 251 -12.93 8.77 16.17
C TYR B 251 -12.67 7.82 15.00
N LYS B 252 -12.73 6.52 15.26
CA LYS B 252 -12.35 5.54 14.25
C LYS B 252 -13.17 5.66 12.96
N PRO B 253 -14.51 5.77 12.99
CA PRO B 253 -15.24 5.84 11.71
C PRO B 253 -14.88 7.07 10.89
N VAL B 254 -14.74 8.22 11.55
CA VAL B 254 -14.38 9.45 10.85
C VAL B 254 -13.02 9.30 10.19
N VAL B 255 -12.12 8.51 10.78
CA VAL B 255 -10.81 8.29 10.18
C VAL B 255 -10.94 7.57 8.85
N TRP B 256 -11.66 6.43 8.83
CA TRP B 256 -11.80 5.68 7.59
C TRP B 256 -12.50 6.50 6.52
N PHE B 257 -13.58 7.19 6.90
CA PHE B 257 -14.31 8.02 5.95
C PHE B 257 -13.42 9.16 5.43
N TRP B 258 -12.63 9.76 6.31
CA TRP B 258 -11.57 10.67 5.90
C TRP B 258 -10.65 10.04 4.86
N ILE B 259 -10.14 8.84 5.16
CA ILE B 259 -9.29 8.13 4.22
C ILE B 259 -9.99 8.00 2.87
N LEU B 260 -11.24 7.55 2.90
CA LEU B 260 -12.02 7.37 1.67
C LEU B 260 -12.00 8.62 0.80
N VAL B 261 -12.32 9.77 1.39
CA VAL B 261 -12.44 10.99 0.58
C VAL B 261 -11.06 11.58 0.31
N GLY B 262 -10.14 11.45 1.26
CA GLY B 262 -8.79 11.95 1.06
C GLY B 262 -8.05 11.21 -0.04
N LEU B 263 -8.25 9.90 -0.14
CA LEU B 263 -7.65 9.13 -1.23
C LEU B 263 -8.11 9.66 -2.58
N ALA B 264 -9.37 10.09 -2.68
CA ALA B 264 -9.82 10.76 -3.89
C ALA B 264 -9.08 12.06 -4.11
N TYR B 265 -8.79 12.79 -3.03
CA TYR B 265 -8.12 14.08 -3.16
C TYR B 265 -6.69 13.91 -3.67
N PHE B 266 -5.88 13.05 -3.02
CA PHE B 266 -4.53 12.85 -3.54
C PHE B 266 -4.53 12.17 -4.89
N ALA B 267 -5.58 11.41 -5.21
CA ALA B 267 -5.69 10.85 -6.56
C ALA B 267 -5.65 11.97 -7.60
N ALA B 268 -6.41 13.05 -7.36
CA ALA B 268 -6.36 14.21 -8.23
C ALA B 268 -5.03 14.93 -8.10
N VAL B 269 -4.54 15.10 -6.86
CA VAL B 269 -3.27 15.81 -6.64
C VAL B 269 -2.13 15.12 -7.38
N LEU B 270 -1.95 13.82 -7.13
CA LEU B 270 -0.92 13.06 -7.84
C LEU B 270 -1.13 13.10 -9.34
N SER B 271 -2.38 13.14 -9.79
CA SER B 271 -2.65 13.22 -11.23
C SER B 271 -2.22 14.56 -11.80
N MET B 272 -2.44 15.65 -11.06
CA MET B 272 -1.95 16.95 -11.51
C MET B 272 -0.42 16.96 -11.57
N ILE B 273 0.23 16.42 -10.54
CA ILE B 273 1.68 16.36 -10.51
C ILE B 273 2.21 15.58 -11.71
N GLY B 274 1.51 14.51 -12.09
CA GLY B 274 1.89 13.78 -13.29
C GLY B 274 1.86 14.64 -14.54
N ASP B 275 0.88 15.54 -14.62
CA ASP B 275 0.81 16.43 -15.77
C ASP B 275 1.94 17.45 -15.75
N TRP B 276 2.20 18.03 -14.57
CA TRP B 276 3.34 18.93 -14.40
C TRP B 276 4.62 18.30 -14.90
N LEU B 277 4.85 17.03 -14.53
CA LEU B 277 6.05 16.33 -14.96
C LEU B 277 6.10 16.18 -16.47
N ARG B 278 4.99 15.74 -17.08
CA ARG B 278 4.94 15.66 -18.54
C ARG B 278 5.23 17.00 -19.18
N VAL B 279 4.69 18.09 -18.63
CA VAL B 279 5.01 19.41 -19.15
C VAL B 279 6.51 19.66 -19.06
N ILE B 280 7.06 19.57 -17.84
CA ILE B 280 8.48 19.84 -17.63
C ILE B 280 9.34 18.89 -18.46
N ALA B 281 8.90 17.63 -18.59
CA ALA B 281 9.68 16.66 -19.35
C ALA B 281 9.78 17.05 -20.82
N LYS B 282 8.67 17.42 -21.44
CA LYS B 282 8.73 17.74 -22.86
C LYS B 282 9.06 19.19 -23.13
N LYS B 283 9.26 20.01 -22.09
CA LYS B 283 9.77 21.35 -22.26
C LYS B 283 11.24 21.46 -21.87
N THR B 284 11.78 20.47 -21.15
CA THR B 284 13.22 20.26 -21.14
C THR B 284 13.66 19.46 -22.36
N LYS B 285 12.75 18.73 -23.00
CA LYS B 285 13.07 18.08 -24.26
C LYS B 285 13.27 19.09 -25.37
N GLU B 286 12.44 20.13 -25.43
CA GLU B 286 12.65 21.18 -26.42
C GLU B 286 13.90 22.00 -26.07
N ALA B 287 14.19 22.16 -24.78
CA ALA B 287 15.33 22.97 -24.36
C ALA B 287 16.65 22.31 -24.71
N VAL B 288 16.71 20.98 -24.68
CA VAL B 288 17.93 20.30 -25.11
C VAL B 288 18.01 20.30 -26.64
N GLY B 289 16.85 20.24 -27.32
CA GLY B 289 16.85 20.46 -28.75
C GLY B 289 17.29 21.86 -29.12
N GLU B 290 16.93 22.84 -28.30
CA GLU B 290 17.48 24.19 -28.42
C GLU B 290 19.00 24.16 -28.37
N PHE B 291 19.54 23.66 -27.26
CA PHE B 291 20.98 23.70 -27.04
C PHE B 291 21.75 22.98 -28.14
N ARG B 292 21.32 21.77 -28.49
CA ARG B 292 22.15 20.95 -29.37
C ARG B 292 22.15 21.48 -30.81
N ALA B 293 21.07 22.14 -31.23
CA ALA B 293 21.09 22.82 -32.52
C ALA B 293 21.91 24.10 -32.46
N HIS B 294 21.83 24.84 -31.35
CA HIS B 294 22.59 26.08 -31.25
C HIS B 294 24.05 25.82 -30.91
N ALA B 295 24.29 24.92 -29.94
CA ALA B 295 25.58 24.25 -29.70
C ALA B 295 26.74 25.09 -30.18
N ALA B 296 26.88 26.21 -29.44
CA ALA B 296 27.91 27.26 -29.43
C ALA B 296 27.70 28.36 -30.45
N GLU B 297 26.53 28.41 -31.11
CA GLU B 297 26.28 29.29 -32.23
C GLU B 297 27.34 29.02 -33.29
CD CD C . -35.12 -15.29 -15.21
C1 OCT D . -22.42 -10.79 -2.53
C2 OCT D . -22.61 -10.13 -1.16
C3 OCT D . -23.37 -8.81 -1.34
C4 OCT D . -24.67 -9.07 -2.10
C5 OCT D . -25.39 -7.75 -2.37
C6 OCT D . -26.30 -7.89 -3.58
C7 OCT D . -26.52 -6.53 -4.24
C8 OCT D . -27.83 -5.92 -3.76
C1 OCT E . 7.05 21.26 6.85
C2 OCT E . 6.90 20.43 5.58
C3 OCT E . 6.03 21.19 4.58
C4 OCT E . 5.55 20.23 3.49
C5 OCT E . 6.56 20.19 2.34
C6 OCT E . 5.84 20.54 1.04
C7 OCT E . 6.73 20.20 -0.15
C8 OCT E . 6.04 20.62 -1.44
C1 UND F . -18.25 -13.27 -3.91
C2 UND F . -19.14 -13.11 -5.14
C3 UND F . -19.86 -11.76 -5.07
C4 UND F . -18.90 -10.66 -5.47
C5 UND F . -19.52 -9.29 -5.18
C6 UND F . -20.79 -9.11 -6.02
C7 UND F . -21.04 -7.62 -6.25
C8 UND F . -22.48 -7.37 -6.67
C9 UND F . -22.68 -5.88 -6.95
C10 UND F . -24.17 -5.53 -6.99
C11 UND F . -24.34 -4.06 -7.39
K K G . 7.26 -2.88 12.03
K K H . -0.34 1.17 -2.48
K K I . 0.57 0.00 0.44
K K J . 1.95 -0.80 3.26
K K K . 3.14 -1.71 5.79
CD CD L . 15.51 27.33 -31.50
CD CD M . -2.51 -3.11 21.68
C1 OCT N . 17.23 14.45 -19.50
C2 OCT N . 17.76 13.26 -18.69
C3 OCT N . 18.47 13.77 -17.44
C4 OCT N . 17.69 13.35 -16.20
C5 OCT N . 17.55 14.55 -15.26
C6 OCT N . 17.23 14.07 -13.84
C7 OCT N . 17.17 15.28 -12.91
C8 OCT N . 17.03 14.82 -11.46
C1 UND O . -1.22 -23.05 -0.97
C2 UND O . -2.72 -22.89 -1.23
C3 UND O . -3.01 -21.48 -1.73
C4 UND O . -4.46 -21.41 -2.19
C5 UND O . -4.75 -20.04 -2.82
C6 UND O . -6.12 -20.09 -3.50
C7 UND O . -6.47 -18.70 -4.05
C8 UND O . -7.89 -18.73 -4.61
C9 UND O . -8.16 -17.43 -5.36
C10 UND O . -9.64 -17.33 -5.71
C11 UND O . -9.94 -15.92 -6.24
K K P . -2.28 2.65 -6.38
#